data_6UBU
#
_entry.id   6UBU
#
_cell.length_a   132.175
_cell.length_b   35.260
_cell.length_c   42.276
_cell.angle_alpha   90.000
_cell.angle_beta   90.860
_cell.angle_gamma   90.000
#
_symmetry.space_group_name_H-M   'C 1 2 1'
#
loop_
_entity.id
_entity.type
_entity.pdbx_description
1 polymer 'Guanine riboswitch aptamer domain'
2 non-polymer 'COBALT HEXAMMINE(III)'
3 non-polymer 'ACETATE ION'
4 non-polymer GUANINE
5 water water
#
_entity_poly.entity_id   1
_entity_poly.type   'polyribonucleotide'
_entity_poly.pdbx_seq_one_letter_code
;GGACAUAUAAUCGCGUGGAUAUGGCACGCAAGUUUCUACCGGGCACCGUAAAUGUCCGACUAUGUCC
;
_entity_poly.pdbx_strand_id   B
#
loop_
_chem_comp.id
_chem_comp.type
_chem_comp.name
_chem_comp.formula
A RNA linking ADENOSINE-5'-MONOPHOSPHATE 'C10 H14 N5 O7 P'
ACT non-polymer 'ACETATE ION' 'C2 H3 O2 -1'
C RNA linking CYTIDINE-5'-MONOPHOSPHATE 'C9 H14 N3 O8 P'
G RNA linking GUANOSINE-5'-MONOPHOSPHATE 'C10 H14 N5 O8 P'
GUN non-polymer GUANINE 'C5 H5 N5 O'
NCO non-polymer 'COBALT HEXAMMINE(III)' 'Co H18 N6 3'
U RNA linking URIDINE-5'-MONOPHOSPHATE 'C9 H13 N2 O9 P'
#
# COMPACT_ATOMS: atom_id res chain seq x y z
CO NCO B . -3.47 -10.86 3.38
N1 NCO B . -3.01 -10.27 5.22
N2 NCO B . -3.93 -11.45 1.55
N3 NCO B . -5.39 -10.61 3.79
N4 NCO B . -3.55 -12.74 3.98
N5 NCO B . -1.54 -11.09 2.99
N6 NCO B . -3.36 -8.99 2.74
CO NCO C . -2.58 16.31 1.67
N1 NCO C . -3.26 15.76 3.44
N2 NCO C . -1.90 16.92 -0.10
N3 NCO C . -4.34 15.92 0.85
N4 NCO C . -2.01 14.46 1.26
N5 NCO C . -0.81 16.67 2.47
N6 NCO C . -3.15 18.17 2.05
CO NCO D . -7.25 9.01 6.91
N1 NCO D . -7.58 10.17 8.50
N2 NCO D . -6.93 7.80 5.38
N3 NCO D . -8.87 7.94 7.36
N4 NCO D . -6.20 7.79 8.06
N5 NCO D . -5.63 10.07 6.50
N6 NCO D . -8.29 10.24 5.77
CO NCO E . -2.55 0.72 -4.35
N1 NCO E . -2.75 0.16 -2.45
N2 NCO E . -2.38 1.37 -6.21
N3 NCO E . -4.21 -0.22 -4.83
N4 NCO E . -1.45 -0.86 -4.75
N5 NCO E . -0.91 1.71 -3.86
N6 NCO E . -3.56 2.38 -3.94
CO NCO F . -7.46 3.12 -12.57
N1 NCO F . -7.31 2.63 -10.66
N2 NCO F . -7.59 3.66 -14.48
N3 NCO F . -8.62 1.56 -12.93
N4 NCO F . -5.85 2.06 -12.98
N5 NCO F . -6.27 4.68 -12.26
N6 NCO F . -9.05 4.21 -12.14
CO NCO G . 2.32 4.75 -11.07
N1 NCO G . 1.56 5.70 -9.50
N2 NCO G . 2.98 3.75 -12.66
N3 NCO G . 0.57 3.82 -11.27
N4 NCO G . 2.94 3.31 -9.85
N5 NCO G . 4.09 5.60 -10.88
N6 NCO G . 1.76 6.21 -12.27
CO NCO H . 1.80 -18.05 -0.73
N1 NCO H . 1.54 -19.16 0.89
N2 NCO H . 2.05 -16.95 -2.36
N3 NCO H . 1.95 -19.68 -1.85
N4 NCO H . 3.76 -18.10 -0.48
N5 NCO H . 1.67 -16.41 0.36
N6 NCO H . -0.16 -18.02 -1.02
C ACT I . -4.17 10.70 -3.11
O ACT I . -3.81 11.76 -2.53
OXT ACT I . -3.81 10.24 -4.25
CH3 ACT I . -5.19 9.81 -2.33
C ACT J . 10.42 4.49 -2.31
O ACT J . 10.81 4.40 -1.10
OXT ACT J . 10.97 4.02 -3.34
CH3 ACT J . 9.09 5.26 -2.56
C ACT K . 0.12 -1.99 13.77
O ACT K . 0.59 -3.00 14.36
OXT ACT K . -0.63 -1.94 12.74
CH3 ACT K . 0.50 -0.60 14.38
N9 GUN L . 10.32 -7.30 9.78
C8 GUN L . 9.34 -8.03 10.34
N7 GUN L . 8.73 -8.71 9.35
C5 GUN L . 9.33 -8.42 8.21
C6 GUN L . 9.08 -8.90 6.77
O6 GUN L . 8.22 -9.68 6.53
N1 GUN L . 9.92 -8.40 5.72
C2 GUN L . 10.98 -7.45 6.03
N2 GUN L . 11.86 -6.90 5.01
N3 GUN L . 11.19 -7.02 7.40
C4 GUN L . 10.32 -7.53 8.49
#